data_6CSN
#
_entry.id   6CSN
#
_cell.length_a   60.520
_cell.length_b   142.520
_cell.length_c   91.250
_cell.angle_alpha   90.000
_cell.angle_beta   90.000
_cell.angle_gamma   90.000
#
_symmetry.space_group_name_H-M   'C 2 2 21'
#
loop_
_entity.id
_entity.type
_entity.pdbx_description
1 polymer iC++
2 non-polymer RETINAL
3 non-polymer 'OLEIC ACID'
4 non-polymer 'CHLORIDE ION'
5 water water
#
_entity_poly.entity_id   1
_entity_poly.type   'polypeptide(L)'
_entity_poly.pdbx_seq_one_letter_code
;LFQTSYTLENQGSVICIPNNGQCFCLAWLKSNGTNAEKLAANILQWISFALSALCLMFYGYQTWKSTCGWENIYVATIQM
IKFIIEYFHSFDEPAVIYSSNGNKTRWLRYASWLLTCPVILIHLSNLTGLANDYNKRTMGLLVSDIGTIVWGTTAALSKG
YVRVIFFLMGLCYGIYTFFNAAKVYIEAYHTVPKGRCRQVVTGMAWLFFVSWGMFPILFILGPEGFGVLSRYGSNVGHTI
IDLMSKQCWGLLGHYLRVLIHSHILIHGDIRKTTKLNIGGTEIEVETLVEDE
;
_entity_poly.pdbx_strand_id   A
#
loop_
_chem_comp.id
_chem_comp.type
_chem_comp.name
_chem_comp.formula
CL non-polymer 'CHLORIDE ION' 'Cl -1'
OLA non-polymer 'OLEIC ACID' 'C18 H34 O2'
RET non-polymer RETINAL 'C20 H28 O'
#
# COMPACT_ATOMS: atom_id res chain seq x y z
N LEU A 1 14.69 21.70 12.15
CA LEU A 1 13.27 21.53 11.89
C LEU A 1 12.58 22.88 11.69
N PHE A 2 11.55 23.14 12.49
CA PHE A 2 10.79 24.37 12.45
C PHE A 2 10.74 25.00 13.83
N GLN A 3 10.20 26.22 13.89
CA GLN A 3 10.14 26.95 15.15
C GLN A 3 9.07 26.36 16.06
N THR A 4 9.48 25.98 17.28
CA THR A 4 8.57 25.45 18.28
C THR A 4 8.49 26.31 19.54
N SER A 5 9.34 27.31 19.69
CA SER A 5 9.30 28.22 20.83
C SER A 5 8.90 29.61 20.35
N TYR A 6 7.91 30.19 21.02
CA TYR A 6 7.38 31.49 20.61
C TYR A 6 6.78 32.19 21.82
N THR A 7 6.54 33.48 21.67
CA THR A 7 5.98 34.32 22.72
C THR A 7 4.75 35.05 22.18
N LEU A 8 3.65 35.00 22.94
CA LEU A 8 2.45 35.76 22.59
C LEU A 8 2.57 37.19 23.10
N GLU A 9 2.11 38.14 22.30
CA GLU A 9 2.19 39.55 22.65
C GLU A 9 0.88 40.24 22.31
N ASN A 10 0.70 41.44 22.84
CA ASN A 10 -0.45 42.31 22.55
C ASN A 10 -1.76 41.58 22.79
N GLN A 11 -1.86 40.93 23.96
CA GLN A 11 -3.08 40.24 24.40
C GLN A 11 -3.51 39.17 23.39
N GLY A 12 -2.54 38.34 22.98
CA GLY A 12 -2.83 37.20 22.14
C GLY A 12 -3.08 37.49 20.69
N SER A 13 -2.74 38.69 20.21
CA SER A 13 -2.96 39.06 18.83
C SER A 13 -1.68 39.09 18.00
N VAL A 14 -0.52 38.98 18.64
CA VAL A 14 0.77 39.03 17.94
C VAL A 14 1.61 37.86 18.43
N ILE A 15 2.28 37.19 17.48
CA ILE A 15 3.20 36.10 17.78
C ILE A 15 4.60 36.55 17.37
N CYS A 16 5.55 36.47 18.29
CA CYS A 16 6.94 36.83 18.04
C CYS A 16 7.81 35.58 18.10
N ILE A 17 8.65 35.38 17.10
CA ILE A 17 9.53 34.22 17.03
C ILE A 17 10.95 34.71 16.84
N PRO A 18 11.94 33.89 17.20
CA PRO A 18 13.33 34.27 16.93
C PRO A 18 13.61 34.35 15.44
N ASN A 19 14.46 35.30 15.06
CA ASN A 19 14.86 35.46 13.66
C ASN A 19 16.05 34.56 13.36
N ASN A 20 15.82 33.26 13.54
CA ASN A 20 16.85 32.24 13.35
C ASN A 20 16.78 31.60 11.97
N GLY A 21 15.90 32.07 11.09
CA GLY A 21 15.75 31.51 9.77
C GLY A 21 14.83 30.31 9.66
N GLN A 22 14.28 29.85 10.77
CA GLN A 22 13.37 28.71 10.73
C GLN A 22 11.94 29.15 10.45
N CYS A 23 11.13 28.21 9.98
CA CYS A 23 9.74 28.46 9.69
C CYS A 23 8.89 28.20 10.92
N PHE A 24 7.73 28.87 10.99
CA PHE A 24 6.86 28.78 12.14
C PHE A 24 5.42 28.63 11.70
N CYS A 25 4.68 27.79 12.43
CA CYS A 25 3.24 27.63 12.19
C CYS A 25 2.65 26.91 13.40
N LEU A 26 1.56 27.47 13.95
CA LEU A 26 0.93 26.87 15.12
C LEU A 26 0.31 25.53 14.80
N ALA A 27 -0.16 25.33 13.57
CA ALA A 27 -0.80 24.07 13.21
C ALA A 27 0.17 22.90 13.27
N TRP A 28 1.45 23.14 12.97
CA TRP A 28 2.45 22.08 13.02
C TRP A 28 2.73 21.62 14.44
N LEU A 29 2.32 22.38 15.46
CA LEU A 29 2.61 22.04 16.85
C LEU A 29 1.50 21.23 17.51
N LYS A 30 0.45 20.87 16.77
CA LYS A 30 -0.60 20.03 17.34
C LYS A 30 -0.06 18.63 17.60
N SER A 31 -0.72 17.93 18.52
CA SER A 31 -0.26 16.60 18.91
C SER A 31 -0.53 15.61 17.79
N ASN A 32 0.38 14.63 17.69
CA ASN A 32 0.20 13.52 16.75
C ASN A 32 -0.67 12.40 17.34
N GLY A 33 -0.81 12.36 18.66
CA GLY A 33 -1.60 11.33 19.30
C GLY A 33 -1.14 11.10 20.73
N THR A 34 -1.63 10.03 21.31
CA THR A 34 -1.29 9.66 22.68
C THR A 34 -0.04 8.80 22.72
N ASN A 35 0.59 8.73 23.90
CA ASN A 35 1.80 7.93 24.05
C ASN A 35 1.51 6.45 23.87
N ALA A 36 0.30 6.00 24.23
CA ALA A 36 -0.07 4.61 24.00
C ALA A 36 -0.15 4.30 22.52
N GLU A 37 -0.70 5.23 21.73
CA GLU A 37 -0.77 5.04 20.29
C GLU A 37 0.62 5.13 19.65
N LYS A 38 1.50 5.94 20.23
CA LYS A 38 2.88 6.00 19.74
C LYS A 38 3.57 4.65 19.94
N LEU A 39 3.53 4.12 21.17
CA LEU A 39 4.18 2.84 21.44
C LEU A 39 3.51 1.70 20.68
N ALA A 40 2.19 1.79 20.47
CA ALA A 40 1.51 0.77 19.69
C ALA A 40 1.96 0.82 18.23
N ALA A 41 2.24 2.02 17.72
CA ALA A 41 2.75 2.13 16.35
C ALA A 41 4.18 1.63 16.25
N ASN A 42 5.00 1.90 17.28
CA ASN A 42 6.38 1.44 17.27
C ASN A 42 6.47 -0.08 17.39
N ILE A 43 5.50 -0.71 18.04
CA ILE A 43 5.50 -2.16 18.18
C ILE A 43 5.21 -2.81 16.83
N LEU A 44 4.18 -2.34 16.13
CA LEU A 44 3.86 -2.89 14.82
C LEU A 44 4.93 -2.61 13.78
N GLN A 45 5.75 -1.57 14.00
CA GLN A 45 6.82 -1.29 13.06
C GLN A 45 7.87 -2.39 13.07
N TRP A 46 8.19 -2.90 14.26
CA TRP A 46 9.16 -3.99 14.35
C TRP A 46 8.55 -5.31 13.89
N ILE A 47 7.25 -5.52 14.16
CA ILE A 47 6.58 -6.73 13.70
C ILE A 47 6.57 -6.78 12.18
N SER A 48 6.27 -5.65 11.53
CA SER A 48 6.30 -5.61 10.07
C SER A 48 7.72 -5.65 9.55
N PHE A 49 8.69 -5.15 10.32
CA PHE A 49 10.08 -5.21 9.90
C PHE A 49 10.64 -6.62 10.04
N ALA A 50 10.32 -7.30 11.15
CA ALA A 50 10.78 -8.67 11.33
C ALA A 50 10.19 -9.58 10.27
N LEU A 51 8.92 -9.37 9.91
CA LEU A 51 8.31 -10.16 8.86
C LEU A 51 8.99 -9.91 7.52
N SER A 52 9.18 -8.63 7.17
CA SER A 52 9.90 -8.29 5.95
C SER A 52 11.33 -8.83 5.96
N ALA A 53 11.96 -8.87 7.13
CA ALA A 53 13.29 -9.46 7.23
C ALA A 53 13.23 -10.97 7.06
N LEU A 54 12.29 -11.62 7.75
CA LEU A 54 12.14 -13.07 7.59
C LEU A 54 11.61 -13.43 6.21
N CYS A 55 10.97 -12.50 5.50
CA CYS A 55 10.54 -12.76 4.13
C CYS A 55 11.71 -12.71 3.17
N LEU A 56 12.58 -11.70 3.30
CA LEU A 56 13.76 -11.63 2.45
C LEU A 56 14.68 -12.82 2.68
N MET A 57 14.80 -13.27 3.94
CA MET A 57 15.55 -14.48 4.21
C MET A 57 14.89 -15.70 3.58
N PHE A 58 13.56 -15.78 3.65
CA PHE A 58 12.84 -16.92 3.09
C PHE A 58 12.84 -16.86 1.57
N TYR A 59 12.61 -15.68 0.99
CA TYR A 59 12.56 -15.56 -0.47
C TYR A 59 13.90 -15.87 -1.11
N GLY A 60 15.00 -15.66 -0.37
CA GLY A 60 16.32 -15.93 -0.93
C GLY A 60 16.57 -17.39 -1.22
N TYR A 61 15.90 -18.29 -0.48
CA TYR A 61 16.07 -19.72 -0.70
C TYR A 61 15.24 -20.20 -1.88
N THR A 67 9.12 -18.83 -12.27
CA THR A 67 10.51 -18.48 -12.50
C THR A 67 11.08 -17.72 -11.29
N CYS A 68 11.38 -16.44 -11.48
CA CYS A 68 11.89 -15.59 -10.43
C CYS A 68 10.75 -14.74 -9.88
N GLY A 69 10.55 -14.79 -8.56
CA GLY A 69 9.57 -13.95 -7.92
C GLY A 69 10.13 -12.59 -7.60
N TRP A 70 10.58 -11.86 -8.63
CA TRP A 70 11.19 -10.56 -8.43
C TRP A 70 10.23 -9.55 -7.83
N GLU A 71 8.92 -9.75 -7.98
CA GLU A 71 7.95 -8.82 -7.42
C GLU A 71 8.01 -8.82 -5.90
N ASN A 72 8.04 -10.01 -5.28
CA ASN A 72 8.09 -10.08 -3.83
C ASN A 72 9.40 -9.53 -3.28
N ILE A 73 10.50 -9.71 -4.01
CA ILE A 73 11.79 -9.21 -3.55
C ILE A 73 11.81 -7.69 -3.53
N TYR A 74 11.15 -7.07 -4.51
CA TYR A 74 11.24 -5.62 -4.64
C TYR A 74 10.48 -4.91 -3.52
N VAL A 75 9.23 -5.31 -3.28
CA VAL A 75 8.45 -4.62 -2.26
C VAL A 75 8.98 -4.93 -0.87
N ALA A 76 9.61 -6.10 -0.68
CA ALA A 76 10.21 -6.41 0.61
C ALA A 76 11.48 -5.59 0.83
N THR A 77 12.27 -5.39 -0.23
CA THR A 77 13.44 -4.53 -0.12
C THR A 77 13.03 -3.08 0.16
N ILE A 78 11.96 -2.61 -0.48
CA ILE A 78 11.47 -1.26 -0.21
C ILE A 78 10.89 -1.18 1.20
N GLN A 79 10.22 -2.24 1.64
CA GLN A 79 9.58 -2.24 2.95
C GLN A 79 10.58 -2.05 4.07
N MET A 80 11.64 -2.87 4.09
CA MET A 80 12.61 -2.76 5.17
C MET A 80 13.50 -1.54 5.02
N ILE A 81 13.74 -1.07 3.78
CA ILE A 81 14.42 0.21 3.60
C ILE A 81 13.55 1.33 4.16
N LYS A 82 12.23 1.24 3.95
CA LYS A 82 11.31 2.22 4.52
C LYS A 82 11.36 2.22 6.04
N PHE A 83 11.47 1.04 6.66
CA PHE A 83 11.54 0.96 8.11
CA PHE A 83 11.53 0.98 8.11
C PHE A 83 12.80 1.63 8.64
N ILE A 84 13.91 1.50 7.90
CA ILE A 84 15.14 2.17 8.31
C ILE A 84 14.94 3.68 8.26
N ILE A 85 14.26 4.19 7.23
CA ILE A 85 13.93 5.60 7.17
C ILE A 85 12.93 5.95 8.27
N GLU A 86 11.97 5.06 8.53
CA GLU A 86 10.90 5.36 9.48
C GLU A 86 11.38 5.25 10.92
N TYR A 87 12.45 4.50 11.16
CA TYR A 87 12.93 4.34 12.54
C TYR A 87 13.64 5.60 13.03
N PHE A 88 14.34 6.30 12.13
CA PHE A 88 15.11 7.48 12.50
C PHE A 88 14.32 8.78 12.33
N HIS A 89 13.65 8.95 11.20
CA HIS A 89 12.94 10.21 10.90
C HIS A 89 11.47 9.91 10.60
N SER A 90 10.76 9.36 11.60
CA SER A 90 9.35 9.05 11.43
C SER A 90 8.49 10.31 11.28
N PHE A 91 8.99 11.48 11.71
CA PHE A 91 8.21 12.70 11.61
C PHE A 91 9.04 13.91 11.19
N ASP A 92 10.15 13.69 10.50
CA ASP A 92 11.00 14.77 10.03
C ASP A 92 10.67 15.12 8.58
N GLU A 93 11.23 16.22 8.11
CA GLU A 93 11.01 16.64 6.74
C GLU A 93 12.02 15.95 5.83
N PRO A 94 11.60 15.41 4.67
CA PRO A 94 10.22 15.42 4.17
C PRO A 94 9.50 14.09 4.33
N ALA A 95 9.90 13.27 5.31
CA ALA A 95 9.12 12.08 5.63
C ALA A 95 7.70 12.46 6.02
N VAL A 96 7.56 13.57 6.73
CA VAL A 96 6.27 14.22 6.97
C VAL A 96 6.38 15.64 6.45
N ILE A 97 5.52 16.00 5.51
CA ILE A 97 5.57 17.31 4.86
C ILE A 97 4.70 18.28 5.66
N TYR A 98 5.35 19.26 6.29
CA TYR A 98 4.65 20.32 7.00
C TYR A 98 4.52 21.49 6.03
N SER A 99 3.39 21.54 5.32
CA SER A 99 3.19 22.51 4.26
C SER A 99 2.66 23.83 4.82
N SER A 100 2.66 24.85 3.96
CA SER A 100 2.37 26.21 4.42
C SER A 100 0.90 26.41 4.80
N ASN A 101 0.01 25.50 4.38
CA ASN A 101 -1.40 25.59 4.73
C ASN A 101 -1.74 24.85 6.03
N GLY A 102 -0.73 24.57 6.86
CA GLY A 102 -0.95 23.91 8.13
C GLY A 102 -1.09 22.40 8.06
N ASN A 103 -1.03 21.81 6.86
CA ASN A 103 -1.22 20.38 6.71
C ASN A 103 0.02 19.61 7.12
N LYS A 104 -0.21 18.38 7.59
CA LYS A 104 0.84 17.38 7.77
C LYS A 104 0.51 16.22 6.86
N THR A 105 1.37 15.97 5.88
CA THR A 105 1.15 14.93 4.89
C THR A 105 2.30 13.93 4.95
N ARG A 106 1.95 12.65 5.11
CA ARG A 106 2.95 11.58 5.27
C ARG A 106 3.40 11.13 3.87
N TRP A 107 4.39 11.85 3.35
CA TRP A 107 4.96 11.51 2.05
C TRP A 107 5.69 10.17 2.08
N LEU A 108 6.20 9.79 3.26
CA LEU A 108 6.84 8.48 3.40
C LEU A 108 5.86 7.35 3.07
N ARG A 109 4.59 7.54 3.41
CA ARG A 109 3.58 6.53 3.13
C ARG A 109 3.23 6.50 1.65
N TYR A 110 2.99 7.67 1.05
CA TYR A 110 2.56 7.72 -0.33
C TYR A 110 3.69 7.41 -1.30
N ALA A 111 4.93 7.74 -0.93
CA ALA A 111 6.07 7.35 -1.76
C ALA A 111 6.23 5.84 -1.79
N SER A 112 6.07 5.19 -0.63
CA SER A 112 6.14 3.74 -0.59
C SER A 112 5.00 3.10 -1.38
N TRP A 113 3.84 3.77 -1.42
CA TRP A 113 2.75 3.27 -2.26
C TRP A 113 3.10 3.38 -3.74
N LEU A 114 3.70 4.51 -4.14
CA LEU A 114 4.18 4.63 -5.52
C LEU A 114 5.22 3.59 -5.86
N LEU A 115 5.98 3.11 -4.87
CA LEU A 115 7.04 2.15 -5.16
C LEU A 115 6.55 0.72 -5.20
N THR A 116 5.54 0.38 -4.39
CA THR A 116 5.13 -0.99 -4.16
C THR A 116 3.80 -1.36 -4.78
N CYS A 117 2.82 -0.46 -4.76
CA CYS A 117 1.48 -0.81 -5.26
C CYS A 117 1.48 -1.24 -6.73
N PRO A 118 2.11 -0.53 -7.67
CA PRO A 118 2.14 -1.05 -9.05
C PRO A 118 2.85 -2.38 -9.18
N VAL A 119 3.85 -2.65 -8.33
CA VAL A 119 4.56 -3.93 -8.40
C VAL A 119 3.64 -5.06 -7.98
N ILE A 120 2.76 -4.83 -7.02
CA ILE A 120 1.80 -5.85 -6.61
C ILE A 120 0.81 -6.13 -7.73
N LEU A 121 0.34 -5.09 -8.42
CA LEU A 121 -0.58 -5.28 -9.54
C LEU A 121 0.09 -5.98 -10.71
N ILE A 122 1.40 -5.79 -10.87
CA ILE A 122 2.14 -6.58 -11.85
C ILE A 122 2.15 -8.05 -11.45
N HIS A 123 2.35 -8.32 -10.15
CA HIS A 123 2.23 -9.69 -9.65
C HIS A 123 0.83 -10.24 -9.89
N LEU A 124 -0.19 -9.42 -9.64
CA LEU A 124 -1.56 -9.83 -9.90
C LEU A 124 -1.78 -10.13 -11.38
N SER A 125 -1.15 -9.35 -12.25
CA SER A 125 -1.28 -9.55 -13.69
C SER A 125 -0.62 -10.84 -14.15
N ASN A 126 0.16 -11.49 -13.30
CA ASN A 126 0.83 -12.74 -13.64
C ASN A 126 0.86 -13.60 -12.37
N LEU A 127 -0.32 -14.05 -11.94
CA LEU A 127 -0.40 -14.85 -10.72
C LEU A 127 0.25 -16.21 -10.91
N THR A 128 0.06 -16.85 -12.06
CA THR A 128 0.68 -18.14 -12.30
C THR A 128 2.20 -18.00 -12.45
N GLY A 129 2.67 -16.83 -12.86
CA GLY A 129 4.09 -16.62 -13.09
C GLY A 129 4.64 -17.34 -14.30
N LEU A 130 3.79 -17.81 -15.20
CA LEU A 130 4.23 -18.58 -16.37
C LEU A 130 4.65 -17.62 -17.47
N ALA A 131 5.90 -17.17 -17.38
CA ALA A 131 6.56 -16.40 -18.44
C ALA A 131 5.78 -15.15 -18.82
N ASN A 132 5.71 -14.84 -20.12
CA ASN A 132 5.08 -13.61 -20.58
C ASN A 132 3.59 -13.86 -20.78
N ASP A 133 2.86 -13.80 -19.66
CA ASP A 133 1.40 -13.89 -19.71
C ASP A 133 0.79 -12.50 -19.84
N TYR A 134 0.34 -11.94 -18.71
CA TYR A 134 -0.21 -10.59 -18.68
C TYR A 134 -1.39 -10.41 -19.63
N ASN A 135 -1.74 -9.16 -19.90
CA ASN A 135 -2.81 -8.80 -20.82
C ASN A 135 -2.69 -7.31 -21.12
N LYS A 136 -3.62 -6.79 -21.93
CA LYS A 136 -3.64 -5.37 -22.23
C LYS A 136 -4.28 -4.56 -21.10
N ARG A 137 -5.11 -5.20 -20.28
CA ARG A 137 -5.70 -4.52 -19.13
C ARG A 137 -4.67 -4.27 -18.03
N THR A 138 -3.51 -4.93 -18.10
CA THR A 138 -2.47 -4.70 -17.11
C THR A 138 -2.02 -3.26 -17.10
N MET A 139 -1.86 -2.66 -18.29
CA MET A 139 -1.53 -1.24 -18.37
C MET A 139 -2.67 -0.40 -17.80
N GLY A 140 -3.91 -0.85 -17.94
CA GLY A 140 -5.02 -0.15 -17.33
C GLY A 140 -5.00 -0.23 -15.82
N LEU A 141 -4.61 -1.39 -15.27
CA LEU A 141 -4.49 -1.53 -13.83
C LEU A 141 -3.41 -0.63 -13.26
N LEU A 142 -2.36 -0.38 -14.04
CA LEU A 142 -1.23 0.41 -13.55
C LEU A 142 -1.46 1.92 -13.71
N VAL A 143 -2.00 2.33 -14.86
CA VAL A 143 -2.25 3.76 -15.07
C VAL A 143 -3.30 4.27 -14.09
N SER A 144 -4.27 3.43 -13.72
CA SER A 144 -5.31 3.85 -12.79
C SER A 144 -4.82 3.89 -11.35
N ASP A 145 -3.96 2.95 -10.97
CA ASP A 145 -3.51 2.89 -9.57
C ASP A 145 -2.54 4.02 -9.26
N ILE A 146 -1.66 4.37 -10.21
CA ILE A 146 -0.75 5.49 -10.02
C ILE A 146 -1.55 6.79 -9.85
N GLY A 147 -2.59 6.98 -10.68
CA GLY A 147 -3.43 8.15 -10.53
C GLY A 147 -4.16 8.16 -9.21
N THR A 148 -4.56 6.98 -8.72
CA THR A 148 -5.21 6.88 -7.42
C THR A 148 -4.32 7.46 -6.32
N ILE A 149 -3.04 7.10 -6.32
CA ILE A 149 -2.13 7.60 -5.30
C ILE A 149 -1.76 9.05 -5.56
N VAL A 150 -1.76 9.48 -6.82
CA VAL A 150 -1.47 10.87 -7.13
C VAL A 150 -2.59 11.78 -6.64
N TRP A 151 -3.84 11.40 -6.90
CA TRP A 151 -4.96 12.21 -6.42
C TRP A 151 -5.07 12.14 -4.91
N GLY A 152 -4.81 10.97 -4.33
CA GLY A 152 -4.86 10.84 -2.87
C GLY A 152 -3.79 11.67 -2.18
N THR A 153 -2.58 11.68 -2.73
CA THR A 153 -1.52 12.54 -2.19
C THR A 153 -1.88 14.01 -2.38
N THR A 154 -2.42 14.35 -3.55
CA THR A 154 -2.83 15.74 -3.78
C THR A 154 -3.97 16.14 -2.85
N ALA A 155 -4.89 15.21 -2.58
CA ALA A 155 -5.98 15.50 -1.65
C ALA A 155 -5.47 15.64 -0.21
N ALA A 156 -4.50 14.80 0.18
CA ALA A 156 -3.95 14.91 1.53
C ALA A 156 -3.16 16.20 1.70
N LEU A 157 -2.60 16.73 0.61
CA LEU A 157 -1.87 17.99 0.67
C LEU A 157 -2.79 19.20 0.63
N SER A 158 -3.98 19.06 0.04
CA SER A 158 -4.93 20.15 -0.10
C SER A 158 -5.82 20.25 1.13
N LYS A 159 -6.73 21.23 1.12
CA LYS A 159 -7.71 21.41 2.19
C LYS A 159 -9.04 21.80 1.58
N GLY A 160 -10.11 21.59 2.34
CA GLY A 160 -11.42 22.06 1.93
C GLY A 160 -11.94 21.35 0.69
N TYR A 161 -12.52 22.13 -0.21
CA TYR A 161 -13.16 21.56 -1.40
C TYR A 161 -12.13 20.96 -2.34
N VAL A 162 -10.95 21.56 -2.43
CA VAL A 162 -9.90 21.04 -3.32
C VAL A 162 -9.53 19.63 -2.91
N ARG A 163 -9.48 19.37 -1.60
CA ARG A 163 -9.19 18.02 -1.11
C ARG A 163 -10.30 17.05 -1.51
N VAL A 164 -11.55 17.50 -1.45
CA VAL A 164 -12.67 16.61 -1.79
C VAL A 164 -12.65 16.29 -3.27
N ILE A 165 -12.30 17.27 -4.11
CA ILE A 165 -12.26 17.03 -5.56
C ILE A 165 -11.23 15.97 -5.90
N PHE A 166 -10.01 16.12 -5.38
CA PHE A 166 -8.96 15.16 -5.67
C PHE A 166 -9.20 13.83 -4.97
N PHE A 167 -9.94 13.82 -3.86
CA PHE A 167 -10.28 12.55 -3.23
C PHE A 167 -11.29 11.77 -4.08
N LEU A 168 -12.26 12.48 -4.67
CA LEU A 168 -13.22 11.82 -5.54
C LEU A 168 -12.58 11.41 -6.87
N MET A 169 -11.58 12.16 -7.33
CA MET A 169 -10.84 11.75 -8.52
C MET A 169 -10.02 10.50 -8.23
N GLY A 170 -9.42 10.41 -7.05
CA GLY A 170 -8.73 9.19 -6.66
C GLY A 170 -9.68 8.05 -6.39
N LEU A 171 -10.91 8.36 -6.00
CA LEU A 171 -11.90 7.32 -5.76
C LEU A 171 -12.39 6.71 -7.08
N CYS A 172 -12.57 7.53 -8.11
CA CYS A 172 -12.94 6.99 -9.42
C CYS A 172 -11.82 6.15 -10.01
N TYR A 173 -10.57 6.60 -9.86
CA TYR A 173 -9.43 5.79 -10.28
C TYR A 173 -9.37 4.49 -9.49
N GLY A 174 -9.75 4.55 -8.20
CA GLY A 174 -9.77 3.35 -7.39
C GLY A 174 -10.87 2.38 -7.79
N ILE A 175 -12.00 2.92 -8.25
CA ILE A 175 -13.09 2.05 -8.72
C ILE A 175 -12.67 1.34 -10.01
N TYR A 176 -12.03 2.06 -10.92
CA TYR A 176 -11.53 1.42 -12.13
C TYR A 176 -10.48 0.38 -11.81
N THR A 177 -9.69 0.59 -10.76
CA THR A 177 -8.66 -0.36 -10.40
C THR A 177 -9.26 -1.66 -9.87
N PHE A 178 -10.28 -1.56 -9.01
CA PHE A 178 -10.87 -2.75 -8.40
C PHE A 178 -11.58 -3.62 -9.43
N PHE A 179 -12.35 -3.00 -10.33
CA PHE A 179 -13.11 -3.78 -11.30
C PHE A 179 -12.18 -4.55 -12.24
N ASN A 180 -11.14 -3.88 -12.74
CA ASN A 180 -10.18 -4.58 -13.58
C ASN A 180 -9.42 -5.63 -12.79
N ALA A 181 -9.19 -5.39 -11.50
CA ALA A 181 -8.51 -6.38 -10.68
C ALA A 181 -9.40 -7.60 -10.42
N ALA A 182 -10.71 -7.36 -10.26
CA ALA A 182 -11.62 -8.47 -10.03
C ALA A 182 -11.67 -9.41 -11.23
N LYS A 183 -11.67 -8.86 -12.44
CA LYS A 183 -11.67 -9.70 -13.64
C LYS A 183 -10.36 -10.45 -13.79
N VAL A 184 -9.27 -9.95 -13.22
CA VAL A 184 -8.02 -10.69 -13.22
C VAL A 184 -8.10 -11.86 -12.24
N TYR A 185 -8.67 -11.63 -11.04
CA TYR A 185 -8.82 -12.71 -10.08
C TYR A 185 -9.79 -13.77 -10.58
N ILE A 186 -10.82 -13.36 -11.32
CA ILE A 186 -11.80 -14.32 -11.83
C ILE A 186 -11.18 -15.24 -12.86
N GLU A 187 -10.44 -14.66 -13.82
CA GLU A 187 -9.78 -15.48 -14.82
C GLU A 187 -8.71 -16.37 -14.20
N ALA A 188 -8.02 -15.87 -13.18
CA ALA A 188 -6.98 -16.66 -12.53
C ALA A 188 -7.58 -17.84 -11.77
N TYR A 189 -8.79 -17.67 -11.23
CA TYR A 189 -9.44 -18.76 -10.52
C TYR A 189 -9.75 -19.93 -11.45
N HIS A 190 -10.21 -19.65 -12.66
CA HIS A 190 -10.54 -20.69 -13.63
C HIS A 190 -9.35 -21.15 -14.45
N THR A 191 -8.18 -20.56 -14.24
CA THR A 191 -6.97 -20.98 -14.94
C THR A 191 -6.09 -21.92 -14.11
N VAL A 192 -5.99 -21.68 -12.81
CA VAL A 192 -5.18 -22.50 -11.91
C VAL A 192 -5.86 -23.85 -11.74
N PRO A 193 -5.13 -24.91 -11.36
CA PRO A 193 -5.75 -26.23 -11.22
C PRO A 193 -6.84 -26.25 -10.17
N LYS A 194 -7.62 -27.34 -10.18
CA LYS A 194 -8.80 -27.46 -9.33
C LYS A 194 -8.47 -27.66 -7.86
N GLY A 195 -7.24 -28.05 -7.53
CA GLY A 195 -6.89 -28.37 -6.16
C GLY A 195 -6.74 -27.17 -5.23
N ARG A 196 -5.69 -27.18 -4.42
CA ARG A 196 -5.44 -26.12 -3.44
C ARG A 196 -5.08 -24.79 -4.08
N CYS A 197 -4.75 -24.77 -5.38
CA CYS A 197 -4.39 -23.51 -6.02
C CYS A 197 -5.56 -22.55 -6.04
N ARG A 198 -6.76 -23.05 -6.35
CA ARG A 198 -7.95 -22.22 -6.34
C ARG A 198 -8.31 -21.73 -4.94
N GLN A 199 -7.78 -22.37 -3.90
CA GLN A 199 -8.03 -21.90 -2.53
C GLN A 199 -7.25 -20.61 -2.25
N VAL A 200 -5.95 -20.61 -2.53
CA VAL A 200 -5.14 -19.42 -2.23
C VAL A 200 -5.50 -18.28 -3.17
N VAL A 201 -5.90 -18.58 -4.40
CA VAL A 201 -6.34 -17.54 -5.32
C VAL A 201 -7.54 -16.80 -4.74
N THR A 202 -8.48 -17.54 -4.16
CA THR A 202 -9.60 -16.89 -3.47
C THR A 202 -9.12 -16.16 -2.23
N GLY A 203 -8.14 -16.72 -1.52
CA GLY A 203 -7.62 -16.06 -0.34
C GLY A 203 -6.86 -14.79 -0.65
N MET A 204 -6.11 -14.79 -1.75
CA MET A 204 -5.39 -13.58 -2.16
C MET A 204 -6.38 -12.48 -2.54
N ALA A 205 -7.52 -12.85 -3.13
CA ALA A 205 -8.51 -11.86 -3.48
C ALA A 205 -9.14 -11.23 -2.24
N TRP A 206 -9.39 -12.03 -1.20
CA TRP A 206 -9.95 -11.49 0.02
C TRP A 206 -8.99 -10.52 0.70
N LEU A 207 -7.72 -10.91 0.82
CA LEU A 207 -6.73 -10.00 1.38
C LEU A 207 -6.60 -8.73 0.55
N PHE A 208 -6.76 -8.86 -0.76
CA PHE A 208 -6.60 -7.73 -1.66
C PHE A 208 -7.68 -6.68 -1.41
N PHE A 209 -8.93 -7.00 -1.72
CA PHE A 209 -9.99 -5.99 -1.66
C PHE A 209 -10.25 -5.51 -0.24
N VAL A 210 -10.02 -6.34 0.78
CA VAL A 210 -10.24 -5.91 2.15
C VAL A 210 -9.18 -4.89 2.56
N SER A 211 -7.91 -5.24 2.37
CA SER A 211 -6.83 -4.31 2.71
C SER A 211 -6.88 -3.06 1.82
N TRP A 212 -6.96 -3.25 0.51
CA TRP A 212 -7.03 -2.12 -0.40
C TRP A 212 -8.27 -1.27 -0.14
N GLY A 213 -9.35 -1.89 0.33
CA GLY A 213 -10.56 -1.14 0.64
C GLY A 213 -10.45 -0.32 1.92
N MET A 214 -9.54 -0.68 2.82
CA MET A 214 -9.39 0.06 4.07
C MET A 214 -8.60 1.36 3.91
N PHE A 215 -7.83 1.48 2.83
CA PHE A 215 -7.02 2.69 2.64
C PHE A 215 -7.88 3.92 2.39
N PRO A 216 -8.92 3.86 1.55
CA PRO A 216 -9.84 5.01 1.50
C PRO A 216 -10.65 5.16 2.78
N ILE A 217 -10.83 4.08 3.55
CA ILE A 217 -11.52 4.19 4.83
C ILE A 217 -10.66 4.95 5.83
N LEU A 218 -9.37 4.61 5.91
CA LEU A 218 -8.48 5.29 6.84
C LEU A 218 -8.22 6.73 6.42
N PHE A 219 -8.32 7.03 5.12
CA PHE A 219 -8.17 8.41 4.67
C PHE A 219 -9.27 9.30 5.23
N ILE A 220 -10.48 8.76 5.38
CA ILE A 220 -11.60 9.55 5.88
C ILE A 220 -11.51 9.71 7.40
N LEU A 221 -11.11 8.66 8.11
CA LEU A 221 -11.09 8.68 9.57
C LEU A 221 -9.89 9.42 10.15
N GLY A 222 -8.86 9.69 9.36
CA GLY A 222 -7.64 10.27 9.87
C GLY A 222 -7.62 11.79 9.83
N PRO A 223 -6.44 12.37 10.03
CA PRO A 223 -6.34 13.84 9.98
C PRO A 223 -6.68 14.41 8.62
N GLU A 224 -6.44 13.64 7.55
CA GLU A 224 -6.80 14.08 6.20
C GLU A 224 -8.30 14.18 6.02
N GLY A 225 -9.09 13.56 6.90
CA GLY A 225 -10.53 13.60 6.81
C GLY A 225 -11.20 14.28 7.99
N PHE A 226 -11.97 13.52 8.77
CA PHE A 226 -12.75 14.08 9.87
C PHE A 226 -12.09 13.90 11.22
N GLY A 227 -10.84 13.42 11.25
CA GLY A 227 -10.07 13.41 12.48
C GLY A 227 -10.59 12.54 13.60
N VAL A 228 -11.21 11.41 13.27
CA VAL A 228 -11.58 10.46 14.32
C VAL A 228 -10.37 9.66 14.78
N LEU A 229 -9.32 9.61 13.97
CA LEU A 229 -8.07 8.97 14.33
C LEU A 229 -6.97 10.02 14.46
N SER A 230 -6.05 9.80 15.39
CA SER A 230 -4.88 10.64 15.51
C SER A 230 -3.88 10.30 14.41
N ARG A 231 -2.78 11.05 14.36
CA ARG A 231 -1.71 10.73 13.41
C ARG A 231 -1.03 9.42 13.80
N TYR A 232 -0.79 9.23 15.11
CA TYR A 232 -0.28 7.94 15.58
C TYR A 232 -1.31 6.84 15.36
N GLY A 233 -2.59 7.15 15.54
CA GLY A 233 -3.63 6.17 15.30
C GLY A 233 -3.77 5.81 13.84
N SER A 234 -3.51 6.75 12.94
CA SER A 234 -3.58 6.45 11.52
C SER A 234 -2.38 5.62 11.07
N ASN A 235 -1.23 5.77 11.74
CA ASN A 235 -0.07 4.97 11.38
C ASN A 235 -0.25 3.51 11.80
N VAL A 236 -1.00 3.27 12.87
CA VAL A 236 -1.23 1.89 13.32
C VAL A 236 -2.11 1.15 12.32
N GLY A 237 -3.20 1.76 11.90
CA GLY A 237 -4.09 1.11 10.94
C GLY A 237 -3.43 0.88 9.60
N HIS A 238 -2.64 1.86 9.14
CA HIS A 238 -1.94 1.69 7.87
C HIS A 238 -0.92 0.57 7.94
N THR A 239 -0.27 0.38 9.09
CA THR A 239 0.70 -0.69 9.23
C THR A 239 0.01 -2.06 9.18
N ILE A 240 -1.18 -2.16 9.76
CA ILE A 240 -1.90 -3.43 9.77
C ILE A 240 -2.27 -3.85 8.35
N ILE A 241 -2.85 -2.93 7.58
CA ILE A 241 -3.25 -3.27 6.22
C ILE A 241 -2.08 -3.27 5.25
N ASP A 242 -0.97 -2.62 5.61
CA ASP A 242 0.26 -2.82 4.84
C ASP A 242 0.83 -4.21 5.07
N LEU A 243 0.73 -4.71 6.30
CA LEU A 243 1.18 -6.06 6.60
C LEU A 243 0.34 -7.11 5.87
N MET A 244 -0.94 -6.79 5.62
CA MET A 244 -1.79 -7.70 4.87
C MET A 244 -1.55 -7.58 3.37
N SER A 245 -1.57 -6.36 2.84
CA SER A 245 -1.58 -6.17 1.41
C SER A 245 -0.24 -6.46 0.75
N LYS A 246 0.86 -6.42 1.51
CA LYS A 246 2.19 -6.60 0.95
C LYS A 246 2.87 -7.88 1.43
N GLN A 247 3.13 -7.99 2.74
CA GLN A 247 3.86 -9.15 3.24
C GLN A 247 3.04 -10.42 3.09
N CYS A 248 1.78 -10.39 3.53
CA CYS A 248 0.96 -11.60 3.47
C CYS A 248 0.51 -11.90 2.05
N TRP A 249 0.21 -10.87 1.26
CA TRP A 249 -0.22 -11.10 -0.12
C TRP A 249 0.92 -11.66 -0.96
N GLY A 250 2.15 -11.21 -0.71
CA GLY A 250 3.29 -11.77 -1.41
C GLY A 250 3.61 -13.19 -0.99
N LEU A 251 3.36 -13.51 0.29
CA LEU A 251 3.58 -14.88 0.76
C LEU A 251 2.65 -15.85 0.06
N LEU A 252 1.37 -15.47 -0.08
CA LEU A 252 0.42 -16.34 -0.76
C LEU A 252 0.73 -16.43 -2.25
N GLY A 253 1.06 -15.29 -2.87
CA GLY A 253 1.46 -15.32 -4.27
C GLY A 253 2.68 -16.17 -4.51
N HIS A 254 3.61 -16.17 -3.56
CA HIS A 254 4.75 -17.09 -3.65
C HIS A 254 4.29 -18.54 -3.48
N TYR A 255 3.38 -18.79 -2.53
CA TYR A 255 2.88 -20.14 -2.32
C TYR A 255 2.11 -20.63 -3.54
N LEU A 256 1.37 -19.73 -4.20
CA LEU A 256 0.64 -20.12 -5.40
C LEU A 256 1.59 -20.52 -6.52
N ARG A 257 2.61 -19.69 -6.77
CA ARG A 257 3.55 -19.98 -7.86
C ARG A 257 4.36 -21.24 -7.57
N VAL A 258 4.52 -21.61 -6.30
CA VAL A 258 5.18 -22.87 -5.98
C VAL A 258 4.28 -24.04 -6.34
N LEU A 259 3.00 -23.95 -5.98
CA LEU A 259 2.06 -25.01 -6.32
C LEU A 259 1.86 -25.14 -7.83
N ILE A 260 2.00 -24.02 -8.56
CA ILE A 260 1.88 -24.08 -10.01
C ILE A 260 3.08 -24.79 -10.62
N HIS A 261 4.28 -24.49 -10.13
CA HIS A 261 5.50 -25.05 -10.71
C HIS A 261 5.56 -26.56 -10.51
N SER A 262 5.15 -27.04 -9.33
CA SER A 262 5.12 -28.48 -9.09
C SER A 262 4.09 -29.17 -9.98
N HIS A 263 2.95 -28.50 -10.22
CA HIS A 263 1.93 -29.06 -11.09
C HIS A 263 2.44 -29.16 -12.53
N ILE A 264 3.22 -28.17 -12.96
CA ILE A 264 3.76 -28.18 -14.32
C ILE A 264 4.84 -29.23 -14.47
N LEU A 265 5.55 -29.56 -13.40
CA LEU A 265 6.62 -30.54 -13.50
C LEU A 265 6.11 -31.97 -13.34
N ILE A 266 5.04 -32.17 -12.57
CA ILE A 266 4.51 -33.51 -12.35
C ILE A 266 3.59 -33.92 -13.49
N HIS A 267 2.62 -33.06 -13.84
CA HIS A 267 1.61 -33.38 -14.84
C HIS A 267 1.86 -32.72 -16.18
N GLY A 268 2.91 -31.91 -16.31
CA GLY A 268 3.14 -31.17 -17.53
C GLY A 268 2.22 -29.96 -17.65
N ASP A 269 2.42 -29.22 -18.72
CA ASP A 269 1.58 -28.05 -19.02
C ASP A 269 0.48 -28.51 -19.97
N ILE A 270 -0.69 -28.80 -19.40
CA ILE A 270 -1.84 -29.27 -20.15
C ILE A 270 -2.94 -28.21 -20.04
N ARG A 271 -3.57 -27.89 -21.17
CA ARG A 271 -4.57 -26.83 -21.23
C ARG A 271 -5.89 -27.39 -21.75
N LYS A 272 -6.98 -27.02 -21.08
CA LYS A 272 -8.33 -27.37 -21.50
C LYS A 272 -9.14 -26.09 -21.55
N THR A 273 -9.55 -25.68 -22.75
CA THR A 273 -10.23 -24.41 -22.92
C THR A 273 -11.62 -24.45 -22.26
N THR A 274 -11.89 -23.46 -21.42
CA THR A 274 -13.18 -23.32 -20.75
C THR A 274 -13.74 -21.94 -21.05
N LYS A 275 -15.05 -21.86 -21.25
CA LYS A 275 -15.71 -20.62 -21.63
C LYS A 275 -16.20 -19.87 -20.39
N LEU A 276 -16.02 -18.54 -20.42
CA LEU A 276 -16.50 -17.68 -19.35
C LEU A 276 -17.20 -16.45 -19.92
N ILE A 283 -15.14 -14.66 -22.80
CA ILE A 283 -13.77 -14.93 -22.40
C ILE A 283 -13.53 -16.44 -22.35
N GLU A 284 -12.37 -16.87 -22.84
CA GLU A 284 -11.99 -18.27 -22.84
C GLU A 284 -10.63 -18.41 -22.17
N VAL A 285 -10.52 -19.39 -21.26
CA VAL A 285 -9.34 -19.57 -20.42
C VAL A 285 -8.75 -20.94 -20.68
N GLU A 286 -7.42 -21.01 -20.73
CA GLU A 286 -6.70 -22.29 -20.85
C GLU A 286 -6.40 -22.78 -19.43
N THR A 287 -7.17 -23.77 -18.98
CA THR A 287 -7.08 -24.26 -17.61
C THR A 287 -6.04 -25.36 -17.50
N LEU A 288 -5.25 -25.31 -16.43
CA LEU A 288 -4.28 -26.35 -16.14
C LEU A 288 -4.98 -27.60 -15.62
N VAL A 289 -4.68 -28.74 -16.26
CA VAL A 289 -5.27 -30.01 -15.91
C VAL A 289 -4.15 -31.03 -15.70
N GLU A 290 -4.54 -32.19 -15.16
CA GLU A 290 -3.58 -33.24 -14.79
C GLU A 290 -3.33 -34.22 -15.93
N ASP A 291 -4.39 -34.71 -16.56
CA ASP A 291 -4.28 -35.72 -17.60
C ASP A 291 -4.70 -35.16 -18.96
N GLU A 292 -4.11 -35.70 -20.01
CA GLU A 292 -4.41 -35.28 -21.37
C GLU A 292 -5.62 -36.03 -21.92
C1 RET B . -7.09 6.92 -1.38
C2 RET B . -7.55 8.35 -1.73
C3 RET B . -8.44 8.40 -2.96
C4 RET B . -9.43 7.24 -2.95
C5 RET B . -8.66 5.94 -3.01
C6 RET B . -7.55 5.77 -2.29
C7 RET B . -6.91 4.42 -2.44
C8 RET B . -5.82 3.96 -1.83
C9 RET B . -5.26 2.63 -2.06
C10 RET B . -4.15 2.33 -1.38
C11 RET B . -3.45 1.06 -1.48
C12 RET B . -2.36 0.97 -0.72
C13 RET B . -1.48 -0.23 -0.63
C14 RET B . -0.42 -0.19 0.18
C15 RET B . 0.50 -1.32 0.32
C16 RET B . -5.95 6.78 -0.36
C17 RET B . -5.97 7.19 -2.38
C18 RET B . -9.17 4.84 -3.90
C19 RET B . -5.89 1.64 -3.00
C20 RET B . -1.79 -1.45 -1.43
C1 OLA C . -6.33 0.70 -21.23
O1 OLA C . -5.85 -0.44 -21.08
O2 OLA C . -6.35 1.21 -22.37
C2 OLA C . -6.85 1.49 -20.04
C3 OLA C . -5.85 2.59 -19.71
C4 OLA C . -6.57 3.87 -19.25
C5 OLA C . -6.51 4.00 -17.73
C6 OLA C . -7.52 5.02 -17.21
C7 OLA C . -7.85 4.72 -15.75
C8 OLA C . -8.68 5.83 -15.11
C9 OLA C . -10.04 5.93 -15.77
C10 OLA C . -11.01 6.94 -15.30
C11 OLA C . -11.18 7.19 -13.82
CL CL D . 1.88 11.57 9.99
#